data_3KZH
#
_entry.id   3KZH
#
_cell.length_a   52.396
_cell.length_b   108.102
_cell.length_c   110.918
_cell.angle_alpha   90.00
_cell.angle_beta   90.00
_cell.angle_gamma   90.00
#
_symmetry.space_group_name_H-M   'P 21 21 21'
#
loop_
_entity.id
_entity.type
_entity.pdbx_description
1 polymer 'Probable sugar kinase'
2 non-polymer beta-D-glucopyranose
3 water water
#
_entity_poly.entity_id   1
_entity_poly.type   'polypeptide(L)'
_entity_poly.pdbx_seq_one_letter_code
;MSLRKEPYLLVFGASVVDVFGFSKASYRPYNSTPGHVKISFGGVCRNIAEN(MSE)ARVGVNTNF(MSE)SILGNDEHGK
SIVEHSKKIGYH(MSE)DDS(MSE)VIEGGSTPTYLAILDENGE(MSE)VSAIAD(MSE)KSIGA(MSE)NTDFIDSKRE
IFENAEYTVLDSDNPEI(MSE)EYLLKNFKDKTNFILDPVSAEKASWVKHLIKDFHTIKPNRHEAEILAGFPITDTDDLI
KASNYFLGLGIKKVFISLDADGIFYNDGVSCGKIKATEVDVKNVTGAGDSFVAGLGYGY(MSE)NK(MSE)PIEDIVKFA
(MSE)T(MSE)SNITISHEETIHPD(MSE)ALDTVLAKLEKTTWEEEKYDLNEGHHHHHH
;
_entity_poly.pdbx_strand_id   A,B
#
# COMPACT_ATOMS: atom_id res chain seq x y z
N ARG A 4 19.02 20.48 11.71
CA ARG A 4 19.63 21.83 11.49
C ARG A 4 18.60 22.95 11.63
N LYS A 5 19.02 24.05 12.25
CA LYS A 5 18.18 25.24 12.49
C LYS A 5 18.05 26.15 11.25
N GLU A 6 18.41 25.61 10.09
CA GLU A 6 18.35 26.29 8.80
C GLU A 6 16.91 26.63 8.37
N PRO A 7 16.71 27.75 7.62
CA PRO A 7 15.37 28.14 7.16
C PRO A 7 14.65 27.07 6.33
N TYR A 8 13.34 27.00 6.51
CA TYR A 8 12.51 26.02 5.82
C TYR A 8 11.26 26.61 5.20
N LEU A 9 10.65 25.81 4.31
CA LEU A 9 9.40 26.17 3.64
C LEU A 9 8.36 25.20 4.15
N LEU A 10 7.20 25.74 4.49
CA LEU A 10 6.10 24.93 4.96
C LEU A 10 5.05 24.74 3.90
N VAL A 11 4.64 23.49 3.73
CA VAL A 11 3.58 23.12 2.79
C VAL A 11 2.53 22.51 3.71
N PHE A 12 1.30 23.02 3.61
CA PHE A 12 0.18 22.55 4.43
C PHE A 12 -0.94 22.06 3.52
N GLY A 13 -1.30 20.78 3.62
CA GLY A 13 -2.36 20.21 2.80
C GLY A 13 -2.49 18.70 2.80
N ALA A 14 -3.38 18.18 1.96
CA ALA A 14 -3.68 16.75 1.83
C ALA A 14 -2.65 15.80 1.19
N SER A 15 -2.69 14.54 1.63
CA SER A 15 -1.86 13.44 1.13
C SER A 15 -2.84 12.33 0.80
N VAL A 16 -2.85 11.90 -0.46
CA VAL A 16 -3.73 10.83 -0.90
C VAL A 16 -2.94 9.67 -1.50
N VAL A 17 -3.35 8.45 -1.18
CA VAL A 17 -2.73 7.26 -1.77
C VAL A 17 -3.76 6.73 -2.78
N ASP A 18 -3.39 6.71 -4.07
CA ASP A 18 -4.25 6.20 -5.13
C ASP A 18 -3.95 4.72 -5.42
N VAL A 19 -5.00 3.89 -5.43
CA VAL A 19 -4.87 2.45 -5.71
C VAL A 19 -5.76 2.15 -6.93
N PHE A 20 -5.13 1.96 -8.08
CA PHE A 20 -5.83 1.71 -9.33
C PHE A 20 -5.70 0.28 -9.86
N GLY A 21 -6.84 -0.31 -10.23
CA GLY A 21 -6.86 -1.64 -10.80
C GLY A 21 -7.27 -1.57 -12.25
N PHE A 22 -6.34 -1.89 -13.16
CA PHE A 22 -6.59 -1.87 -14.60
C PHE A 22 -6.91 -3.26 -15.09
N SER A 23 -8.08 -3.45 -15.70
CA SER A 23 -8.50 -4.75 -16.24
C SER A 23 -7.68 -5.20 -17.46
N LYS A 24 -7.17 -6.44 -17.39
CA LYS A 24 -6.38 -7.05 -18.48
C LYS A 24 -7.20 -8.13 -19.21
N ALA A 25 -8.50 -8.05 -19.01
CA ALA A 25 -9.51 -8.93 -19.62
C ALA A 25 -10.82 -8.16 -19.55
N SER A 26 -11.81 -8.60 -20.32
CA SER A 26 -13.14 -7.96 -20.36
C SER A 26 -13.79 -7.87 -18.98
N TYR A 27 -14.10 -6.65 -18.58
CA TYR A 27 -14.73 -6.39 -17.28
C TYR A 27 -16.21 -6.80 -17.25
N ARG A 28 -16.60 -7.36 -16.10
CA ARG A 28 -17.95 -7.81 -15.81
C ARG A 28 -18.12 -7.51 -14.33
N PRO A 29 -19.29 -7.00 -13.91
CA PRO A 29 -19.51 -6.70 -12.48
C PRO A 29 -19.73 -8.01 -11.70
N TYR A 30 -19.63 -7.94 -10.37
CA TYR A 30 -19.79 -9.10 -9.44
C TYR A 30 -18.81 -10.26 -9.73
N ASN A 31 -17.86 -9.99 -10.62
CA ASN A 31 -16.86 -10.95 -11.08
C ASN A 31 -15.41 -10.48 -10.89
N SER A 32 -14.55 -11.44 -10.53
CA SER A 32 -13.12 -11.23 -10.33
C SER A 32 -12.43 -11.16 -11.70
N THR A 33 -11.99 -9.95 -12.09
CA THR A 33 -11.33 -9.71 -13.37
C THR A 33 -9.80 -9.69 -13.22
N PRO A 34 -9.05 -10.39 -14.10
CA PRO A 34 -7.59 -10.34 -13.95
C PRO A 34 -7.05 -8.97 -14.38
N GLY A 35 -6.12 -8.43 -13.60
CA GLY A 35 -5.59 -7.12 -13.93
C GLY A 35 -4.27 -6.72 -13.31
N HIS A 36 -3.99 -5.42 -13.40
CA HIS A 36 -2.77 -4.84 -12.88
C HIS A 36 -3.08 -3.75 -11.87
N VAL A 37 -2.50 -3.88 -10.68
CA VAL A 37 -2.66 -2.92 -9.60
C VAL A 37 -1.50 -1.92 -9.58
N LYS A 38 -1.86 -0.64 -9.55
CA LYS A 38 -0.90 0.46 -9.52
C LYS A 38 -1.16 1.29 -8.27
N ILE A 39 -0.11 1.48 -7.47
CA ILE A 39 -0.19 2.29 -6.25
C ILE A 39 0.65 3.54 -6.46
N SER A 40 0.05 4.71 -6.25
CA SER A 40 0.74 5.98 -6.40
C SER A 40 0.33 6.99 -5.34
N PHE A 41 1.23 7.92 -5.05
CA PHE A 41 0.99 8.96 -4.06
C PHE A 41 0.55 10.25 -4.75
N GLY A 42 -0.52 10.84 -4.22
CA GLY A 42 -1.08 12.06 -4.78
C GLY A 42 -1.41 13.12 -3.76
N GLY A 43 -2.23 14.08 -4.20
CA GLY A 43 -2.60 15.23 -3.39
C GLY A 43 -1.68 16.33 -3.86
N VAL A 44 -2.24 17.44 -4.35
CA VAL A 44 -1.48 18.60 -4.87
C VAL A 44 -0.32 19.03 -3.96
N CYS A 45 -0.65 19.23 -2.68
CA CYS A 45 0.31 19.64 -1.67
C CYS A 45 1.41 18.63 -1.40
N ARG A 46 1.09 17.34 -1.49
CA ARG A 46 2.09 16.28 -1.30
C ARG A 46 3.05 16.21 -2.48
N ASN A 47 2.52 16.52 -3.67
CA ASN A 47 3.30 16.55 -4.91
C ASN A 47 4.24 17.76 -4.86
N ILE A 48 3.75 18.91 -4.38
CA ILE A 48 4.54 20.14 -4.27
C ILE A 48 5.75 19.90 -3.35
N ALA A 49 5.47 19.37 -2.15
CA ALA A 49 6.46 19.05 -1.14
C ALA A 49 7.53 18.07 -1.65
N GLU A 50 7.11 17.08 -2.45
CA GLU A 50 8.05 16.10 -3.03
C GLU A 50 8.99 16.79 -4.02
N ASN A 51 8.43 17.55 -4.96
CA ASN A 51 9.18 18.29 -5.98
C ASN A 51 10.21 19.26 -5.35
N ALA A 53 11.60 18.99 -2.10
CA ALA A 53 12.61 18.19 -1.41
C ALA A 53 13.58 17.59 -2.44
N ARG A 54 13.03 17.26 -3.63
CA ARG A 54 13.81 16.70 -4.73
C ARG A 54 14.86 17.65 -5.28
N VAL A 55 14.59 18.95 -5.23
CA VAL A 55 15.52 19.96 -5.73
C VAL A 55 16.37 20.59 -4.62
N GLY A 56 16.25 20.02 -3.42
CA GLY A 56 17.04 20.47 -2.28
C GLY A 56 16.48 21.47 -1.29
N VAL A 57 15.19 21.82 -1.41
CA VAL A 57 14.58 22.77 -0.46
C VAL A 57 14.32 22.03 0.85
N ASN A 58 14.64 22.68 1.96
CA ASN A 58 14.41 22.16 3.32
C ASN A 58 12.91 22.39 3.44
N THR A 59 12.19 21.29 3.32
CA THR A 59 10.74 21.28 3.30
C THR A 59 10.09 20.68 4.52
N ASN A 60 9.09 21.39 5.03
CA ASN A 60 8.29 20.92 6.14
C ASN A 60 6.91 20.71 5.54
N PHE A 61 6.50 19.45 5.51
CA PHE A 61 5.19 19.08 4.98
C PHE A 61 4.25 18.66 6.11
N SER A 63 0.70 17.50 7.01
CA SER A 63 -0.46 16.88 6.40
C SER A 63 -1.37 16.21 7.41
N ILE A 64 -2.26 15.38 6.90
CA ILE A 64 -3.22 14.60 7.69
C ILE A 64 -3.05 13.12 7.30
N LEU A 65 -2.49 12.34 8.21
CA LEU A 65 -2.31 10.92 7.99
C LEU A 65 -3.31 10.12 8.83
N GLY A 66 -3.28 8.79 8.69
CA GLY A 66 -4.22 7.98 9.42
C GLY A 66 -3.79 6.83 10.29
N ASN A 67 -2.49 6.68 10.58
CA ASN A 67 -1.97 5.61 11.45
C ASN A 67 -1.99 4.18 10.84
N ASP A 68 -2.70 4.04 9.72
CA ASP A 68 -2.82 2.77 9.01
C ASP A 68 -1.58 2.44 8.15
N GLU A 69 -1.72 1.44 7.26
CA GLU A 69 -0.64 1.01 6.38
C GLU A 69 -0.25 2.01 5.29
N HIS A 70 -1.22 2.80 4.83
CA HIS A 70 -0.99 3.83 3.81
C HIS A 70 -0.29 5.02 4.44
N GLY A 71 -0.48 5.18 5.75
CA GLY A 71 0.15 6.24 6.51
C GLY A 71 1.63 5.96 6.63
N LYS A 72 1.98 4.70 6.84
CA LYS A 72 3.39 4.28 6.95
C LYS A 72 4.10 4.36 5.59
N SER A 73 3.33 4.19 4.51
CA SER A 73 3.83 4.25 3.14
C SER A 73 4.28 5.67 2.77
N ILE A 74 3.43 6.65 3.11
CA ILE A 74 3.68 8.07 2.88
C ILE A 74 4.91 8.50 3.69
N VAL A 75 4.92 8.16 4.99
CA VAL A 75 6.03 8.51 5.89
C VAL A 75 7.35 7.96 5.41
N GLU A 76 7.37 6.70 4.98
CA GLU A 76 8.59 6.07 4.47
C GLU A 76 9.10 6.74 3.18
N HIS A 77 8.16 7.15 2.32
CA HIS A 77 8.52 7.83 1.07
C HIS A 77 9.08 9.23 1.37
N SER A 78 8.54 9.86 2.43
CA SER A 78 8.98 11.19 2.86
C SER A 78 10.39 11.19 3.43
N LYS A 79 10.77 10.09 4.10
CA LYS A 79 12.11 9.93 4.68
C LYS A 79 13.12 9.60 3.57
N LYS A 80 12.66 8.93 2.51
CA LYS A 80 13.49 8.57 1.37
C LYS A 80 13.82 9.81 0.53
N ILE A 81 12.78 10.62 0.23
CA ILE A 81 12.94 11.83 -0.58
C ILE A 81 13.48 13.02 0.25
N GLY A 82 12.92 13.23 1.43
CA GLY A 82 13.40 14.32 2.25
C GLY A 82 12.43 15.42 2.62
N TYR A 83 11.13 15.18 2.47
CA TYR A 83 10.14 16.17 2.88
C TYR A 83 9.65 15.74 4.26
N HIS A 84 10.04 16.54 5.25
CA HIS A 84 9.76 16.31 6.67
C HIS A 84 8.31 16.47 7.10
N ASP A 86 7.12 15.40 10.16
CA ASP A 86 7.11 15.28 11.63
C ASP A 86 5.96 15.97 12.35
N ASP A 87 5.59 17.16 11.87
CA ASP A 87 4.54 17.95 12.47
C ASP A 87 3.12 17.70 11.95
N SER A 88 2.93 16.59 11.24
CA SER A 88 1.62 16.24 10.67
C SER A 88 0.62 15.70 11.68
N VAL A 90 -1.84 12.90 12.92
CA VAL A 90 -2.05 11.46 12.84
C VAL A 90 -3.35 11.12 13.59
N ILE A 91 -4.30 10.49 12.89
CA ILE A 91 -5.57 10.11 13.50
C ILE A 91 -5.57 8.63 13.90
N GLU A 92 -5.66 8.41 15.22
CA GLU A 92 -5.69 7.06 15.79
C GLU A 92 -6.99 6.35 15.40
N GLY A 93 -6.83 5.24 14.68
CA GLY A 93 -7.96 4.46 14.21
C GLY A 93 -8.54 4.98 12.90
N GLY A 94 -8.12 6.19 12.52
CA GLY A 94 -8.58 6.83 11.29
C GLY A 94 -7.93 6.26 10.05
N SER A 95 -8.28 6.83 8.90
CA SER A 95 -7.72 6.36 7.63
C SER A 95 -7.02 7.46 6.87
N THR A 96 -5.88 7.10 6.26
CA THR A 96 -5.11 8.01 5.43
C THR A 96 -5.93 8.12 4.14
N PRO A 97 -6.19 9.35 3.63
CA PRO A 97 -6.97 9.55 2.40
C PRO A 97 -6.54 8.61 1.28
N THR A 98 -7.48 7.81 0.82
CA THR A 98 -7.23 6.81 -0.22
C THR A 98 -8.35 6.79 -1.25
N TYR A 99 -7.96 6.61 -2.49
CA TYR A 99 -8.90 6.51 -3.59
C TYR A 99 -8.64 5.18 -4.30
N LEU A 100 -9.57 4.24 -4.11
CA LEU A 100 -9.51 2.91 -4.70
C LEU A 100 -10.44 2.87 -5.93
N ALA A 101 -9.86 2.68 -7.11
CA ALA A 101 -10.65 2.62 -8.34
C ALA A 101 -10.31 1.47 -9.27
N ILE A 102 -11.37 0.89 -9.84
CA ILE A 102 -11.22 -0.22 -10.78
C ILE A 102 -11.62 0.28 -12.17
N LEU A 103 -10.68 0.16 -13.12
CA LEU A 103 -10.88 0.58 -14.50
C LEU A 103 -11.09 -0.63 -15.41
N ASP A 104 -11.83 -0.44 -16.51
CA ASP A 104 -12.08 -1.52 -17.46
C ASP A 104 -10.97 -1.62 -18.52
N GLU A 105 -11.17 -2.50 -19.49
CA GLU A 105 -10.22 -2.74 -20.60
C GLU A 105 -9.95 -1.52 -21.48
N ASN A 106 -10.88 -0.56 -21.45
CA ASN A 106 -10.80 0.68 -22.22
C ASN A 106 -10.12 1.77 -21.39
N GLY A 107 -10.17 1.62 -20.07
CA GLY A 107 -9.55 2.58 -19.16
C GLY A 107 -10.53 3.44 -18.40
N GLU A 108 -11.82 3.16 -18.56
CA GLU A 108 -12.88 3.91 -17.88
C GLU A 108 -13.21 3.35 -16.51
N VAL A 110 -15.29 2.02 -13.73
CA VAL A 110 -16.52 1.26 -13.65
C VAL A 110 -16.89 1.02 -12.19
N SER A 111 -15.98 1.38 -11.28
CA SER A 111 -16.17 1.21 -9.83
C SER A 111 -15.10 1.97 -9.04
N ALA A 112 -15.47 2.48 -7.86
CA ALA A 112 -14.57 3.23 -6.97
C ALA A 112 -15.06 3.47 -5.54
N ILE A 113 -14.09 3.56 -4.63
CA ILE A 113 -14.30 3.83 -3.20
C ILE A 113 -13.41 5.03 -2.82
N ALA A 114 -14.03 6.08 -2.29
CA ALA A 114 -13.33 7.29 -1.85
C ALA A 114 -13.30 7.38 -0.32
N ASP A 115 -12.11 7.23 0.27
CA ASP A 115 -11.93 7.31 1.72
C ASP A 115 -11.27 8.66 2.04
N LYS A 117 -12.33 10.97 4.00
CA LYS A 117 -12.84 11.40 5.30
C LYS A 117 -11.92 12.32 6.11
N SER A 118 -10.69 11.84 6.34
CA SER A 118 -9.68 12.54 7.13
C SER A 118 -9.23 13.95 6.73
N ILE A 119 -9.45 14.34 5.48
CA ILE A 119 -9.08 15.66 4.97
C ILE A 119 -9.78 16.80 5.73
N GLY A 120 -11.05 16.59 6.08
CA GLY A 120 -11.80 17.58 6.81
C GLY A 120 -11.69 17.53 8.33
N ALA A 121 -10.84 16.64 8.85
CA ALA A 121 -10.66 16.48 10.29
C ALA A 121 -9.65 17.45 10.94
N ASN A 123 -8.49 20.77 12.61
CA ASN A 123 -9.11 21.73 13.53
C ASN A 123 -8.16 22.81 14.03
N THR A 124 -8.73 23.87 14.59
CA THR A 124 -7.98 25.01 15.12
C THR A 124 -7.05 24.70 16.28
N ASP A 125 -7.41 23.70 17.09
CA ASP A 125 -6.60 23.27 18.25
C ASP A 125 -5.24 22.71 17.81
N PHE A 126 -5.26 21.99 16.68
CA PHE A 126 -4.04 21.43 16.13
C PHE A 126 -3.18 22.54 15.51
N ILE A 127 -3.82 23.50 14.81
CA ILE A 127 -3.08 24.64 14.22
C ILE A 127 -2.37 25.40 15.34
N ASP A 128 -3.10 25.66 16.42
CA ASP A 128 -2.58 26.36 17.60
C ASP A 128 -1.40 25.67 18.26
N SER A 129 -1.41 24.32 18.27
CA SER A 129 -0.32 23.55 18.88
C SER A 129 0.95 23.61 18.06
N LYS A 130 0.78 23.83 16.76
CA LYS A 130 1.89 23.91 15.80
C LYS A 130 2.10 25.33 15.26
N ARG A 131 1.60 26.34 15.99
CA ARG A 131 1.73 27.75 15.59
C ARG A 131 3.15 28.23 15.30
N GLU A 132 4.11 27.65 16.03
CA GLU A 132 5.53 27.98 15.90
C GLU A 132 6.11 27.50 14.56
N ILE A 133 5.51 26.46 13.98
CA ILE A 133 5.97 25.94 12.69
C ILE A 133 5.56 26.92 11.59
N PHE A 134 4.35 27.48 11.72
CA PHE A 134 3.82 28.47 10.79
C PHE A 134 4.55 29.81 10.89
N GLU A 135 4.67 30.31 12.12
CA GLU A 135 5.34 31.58 12.41
C GLU A 135 6.81 31.70 12.00
N ASN A 136 7.55 30.59 12.10
CA ASN A 136 8.97 30.58 11.73
C ASN A 136 9.24 30.08 10.30
N ALA A 137 8.17 29.82 9.55
CA ALA A 137 8.27 29.38 8.16
C ALA A 137 8.48 30.61 7.28
N GLU A 138 9.45 30.56 6.38
CA GLU A 138 9.73 31.70 5.50
C GLU A 138 8.56 31.89 4.53
N TYR A 139 8.11 30.79 3.94
CA TYR A 139 6.97 30.78 3.03
C TYR A 139 6.07 29.60 3.40
N THR A 140 4.77 29.75 3.17
CA THR A 140 3.81 28.68 3.47
C THR A 140 2.84 28.47 2.31
N VAL A 141 2.89 27.27 1.73
CA VAL A 141 2.06 26.88 0.58
C VAL A 141 0.73 26.29 1.03
N LEU A 142 -0.32 26.76 0.38
CA LEU A 142 -1.68 26.31 0.63
C LEU A 142 -2.36 26.18 -0.72
N ASP A 143 -3.38 25.33 -0.76
CA ASP A 143 -4.21 25.16 -1.94
C ASP A 143 -5.60 25.66 -1.53
N SER A 144 -6.58 25.58 -2.42
CA SER A 144 -7.93 26.06 -2.14
C SER A 144 -8.96 25.04 -1.65
N ASP A 145 -8.50 24.01 -0.95
CA ASP A 145 -9.35 22.93 -0.41
C ASP A 145 -10.28 23.28 0.75
N ASN A 146 -9.74 23.93 1.77
CA ASN A 146 -10.50 24.30 2.95
C ASN A 146 -10.46 25.82 3.17
N PRO A 147 -11.48 26.56 2.68
CA PRO A 147 -11.58 28.02 2.81
C PRO A 147 -11.65 28.57 4.24
N GLU A 148 -12.33 27.82 5.12
CA GLU A 148 -12.52 28.18 6.54
C GLU A 148 -11.19 28.15 7.31
N ILE A 149 -10.40 27.10 7.06
CA ILE A 149 -9.09 26.93 7.70
C ILE A 149 -8.06 27.88 7.09
N GLU A 151 -8.74 30.91 5.99
CA GLU A 151 -9.08 32.18 6.64
C GLU A 151 -8.47 32.26 8.05
N TYR A 152 -8.54 31.15 8.78
CA TYR A 152 -7.97 31.07 10.12
C TYR A 152 -6.44 31.22 10.04
N LEU A 153 -5.83 30.58 9.05
CA LEU A 153 -4.37 30.66 8.86
C LEU A 153 -3.90 32.04 8.45
N LEU A 154 -4.66 32.67 7.55
CA LEU A 154 -4.36 34.02 7.04
C LEU A 154 -4.50 35.06 8.15
N LYS A 155 -5.63 35.04 8.86
CA LYS A 155 -5.93 35.96 9.96
C LYS A 155 -4.86 35.89 11.06
N ASN A 156 -4.48 34.66 11.40
CA ASN A 156 -3.49 34.40 12.44
C ASN A 156 -2.01 34.45 12.07
N PHE A 157 -1.66 34.24 10.81
CA PHE A 157 -0.24 34.20 10.40
C PHE A 157 0.27 35.02 9.21
N LYS A 158 -0.58 35.83 8.55
CA LYS A 158 -0.18 36.62 7.38
C LYS A 158 1.05 37.55 7.50
N ASP A 159 1.30 38.06 8.70
CA ASP A 159 2.43 38.96 8.94
C ASP A 159 3.64 38.24 9.52
N LYS A 160 3.44 36.96 9.84
CA LYS A 160 4.47 36.08 10.42
C LYS A 160 5.13 35.19 9.37
N THR A 161 4.36 34.79 8.36
CA THR A 161 4.84 33.97 7.25
C THR A 161 4.23 34.43 5.92
N ASN A 162 4.93 34.15 4.84
CA ASN A 162 4.50 34.53 3.49
C ASN A 162 3.77 33.41 2.76
N PHE A 163 2.46 33.55 2.65
CA PHE A 163 1.60 32.56 2.01
C PHE A 163 1.62 32.47 0.48
N ILE A 164 1.60 31.24 -0.04
CA ILE A 164 1.60 30.97 -1.48
C ILE A 164 0.35 30.16 -1.88
N LEU A 165 -0.42 30.68 -2.83
CA LEU A 165 -1.63 30.00 -3.30
C LEU A 165 -1.55 29.27 -4.64
N ASP A 166 -2.05 28.03 -4.63
CA ASP A 166 -2.16 27.17 -5.81
C ASP A 166 -3.71 26.97 -5.84
N PRO A 167 -4.44 27.72 -6.69
CA PRO A 167 -5.91 27.62 -6.78
C PRO A 167 -6.59 26.30 -7.16
N VAL A 168 -5.81 25.31 -7.64
CA VAL A 168 -6.31 23.97 -8.06
C VAL A 168 -7.30 23.93 -9.26
N SER A 169 -8.38 24.70 -9.18
CA SER A 169 -9.39 24.79 -10.24
C SER A 169 -10.09 26.14 -10.18
N ALA A 170 -10.79 26.48 -11.27
CA ALA A 170 -11.57 27.73 -11.39
C ALA A 170 -12.76 27.77 -10.42
N GLU A 171 -13.35 26.60 -10.21
CA GLU A 171 -14.49 26.43 -9.32
C GLU A 171 -14.04 26.66 -7.88
N LYS A 172 -12.92 26.03 -7.50
CA LYS A 172 -12.36 26.16 -6.16
C LYS A 172 -11.82 27.56 -5.88
N ALA A 173 -11.49 28.29 -6.95
CA ALA A 173 -10.96 29.66 -6.89
C ALA A 173 -11.97 30.74 -6.50
N SER A 174 -13.24 30.52 -6.85
CA SER A 174 -14.32 31.47 -6.55
C SER A 174 -14.65 31.51 -5.06
N TRP A 175 -14.33 30.41 -4.36
CA TRP A 175 -14.57 30.28 -2.93
C TRP A 175 -13.52 30.93 -2.04
N VAL A 176 -12.39 31.31 -2.64
CA VAL A 176 -11.28 31.94 -1.91
C VAL A 176 -10.92 33.31 -2.48
N LYS A 177 -11.80 33.82 -3.35
CA LYS A 177 -11.63 35.12 -4.02
C LYS A 177 -11.58 36.30 -3.05
N HIS A 178 -12.34 36.21 -1.97
CA HIS A 178 -12.39 37.26 -0.93
C HIS A 178 -11.18 37.20 0.02
N LEU A 179 -10.46 36.08 -0.03
CA LEU A 179 -9.30 35.83 0.82
C LEU A 179 -7.93 36.03 0.18
N ILE A 180 -7.88 36.14 -1.15
CA ILE A 180 -6.59 36.28 -1.86
C ILE A 180 -5.68 37.45 -1.52
N LYS A 181 -6.27 38.54 -1.02
CA LYS A 181 -5.54 39.76 -0.65
C LYS A 181 -4.44 39.57 0.41
N ASP A 182 -4.56 38.51 1.20
CA ASP A 182 -3.60 38.22 2.27
C ASP A 182 -2.40 37.36 1.87
N PHE A 183 -2.42 36.88 0.63
CA PHE A 183 -1.34 36.07 0.09
C PHE A 183 -0.21 36.92 -0.46
N HIS A 184 1.01 36.41 -0.29
CA HIS A 184 2.23 37.05 -0.78
C HIS A 184 2.39 36.68 -2.27
N THR A 185 1.96 35.48 -2.61
CA THR A 185 2.05 35.00 -3.98
C THR A 185 0.85 34.18 -4.35
N ILE A 186 0.33 34.44 -5.54
CA ILE A 186 -0.75 33.64 -6.07
C ILE A 186 -0.22 33.06 -7.38
N LYS A 187 -0.67 31.86 -7.76
CA LYS A 187 -0.21 31.21 -8.96
C LYS A 187 -1.42 30.58 -9.75
N PRO A 188 -2.21 31.45 -10.41
CA PRO A 188 -3.32 30.87 -11.15
C PRO A 188 -3.04 30.68 -12.64
N ASN A 189 -3.93 29.95 -13.32
CA ASN A 189 -3.79 29.82 -14.77
C ASN A 189 -4.68 30.93 -15.36
N ARG A 190 -4.79 30.98 -16.68
CA ARG A 190 -5.61 32.01 -17.34
C ARG A 190 -7.05 32.11 -16.78
N HIS A 191 -7.77 30.98 -16.80
CA HIS A 191 -9.15 30.91 -16.32
C HIS A 191 -9.33 31.18 -14.82
N GLU A 192 -8.43 30.67 -14.00
CA GLU A 192 -8.48 30.87 -12.53
C GLU A 192 -8.23 32.35 -12.18
N ALA A 193 -7.42 33.02 -13.02
CA ALA A 193 -7.09 34.43 -12.85
C ALA A 193 -8.27 35.33 -13.23
N GLU A 194 -9.09 34.85 -14.18
CA GLU A 194 -10.28 35.55 -14.63
C GLU A 194 -11.34 35.56 -13.53
N ILE A 195 -11.44 34.43 -12.83
CA ILE A 195 -12.39 34.23 -11.74
C ILE A 195 -12.00 35.12 -10.56
N LEU A 196 -10.70 35.13 -10.24
CA LEU A 196 -10.15 35.92 -9.14
C LEU A 196 -10.15 37.44 -9.39
N ALA A 197 -9.99 37.83 -10.64
CA ALA A 197 -9.97 39.24 -11.04
C ALA A 197 -11.38 39.81 -11.27
N GLY A 198 -12.24 39.00 -11.89
CA GLY A 198 -13.60 39.42 -12.17
C GLY A 198 -13.85 39.98 -13.56
N PHE A 199 -12.95 39.67 -14.50
CA PHE A 199 -13.05 40.12 -15.90
C PHE A 199 -12.22 39.21 -16.83
N PRO A 200 -12.57 39.12 -18.13
CA PRO A 200 -11.82 38.26 -19.07
C PRO A 200 -10.37 38.66 -19.33
N ILE A 201 -9.53 37.66 -19.59
CA ILE A 201 -8.11 37.86 -19.90
C ILE A 201 -7.84 37.27 -21.29
N THR A 202 -7.88 38.14 -22.29
CA THR A 202 -7.70 37.74 -23.69
C THR A 202 -6.35 38.07 -24.33
N ASP A 203 -5.63 39.02 -23.75
CA ASP A 203 -4.33 39.46 -24.28
C ASP A 203 -3.36 39.93 -23.19
N THR A 204 -2.25 40.52 -23.63
CA THR A 204 -1.19 41.05 -22.76
C THR A 204 -1.64 42.20 -21.87
N ASP A 205 -2.45 43.11 -22.42
CA ASP A 205 -2.95 44.26 -21.66
C ASP A 205 -3.87 43.85 -20.52
N ASP A 206 -4.65 42.79 -20.73
CA ASP A 206 -5.56 42.28 -19.70
C ASP A 206 -4.76 41.56 -18.61
N LEU A 207 -3.65 40.93 -19.03
CA LEU A 207 -2.73 40.22 -18.14
C LEU A 207 -2.06 41.23 -17.22
N ILE A 208 -1.67 42.38 -17.78
CA ILE A 208 -1.04 43.47 -17.01
C ILE A 208 -2.08 44.08 -16.06
N LYS A 209 -3.32 44.20 -16.51
CA LYS A 209 -4.43 44.77 -15.71
C LYS A 209 -4.82 43.85 -14.54
N ALA A 210 -4.88 42.55 -14.80
CA ALA A 210 -5.22 41.52 -13.81
C ALA A 210 -4.17 41.45 -12.71
N SER A 211 -2.92 41.36 -13.14
CA SER A 211 -1.80 41.30 -12.22
C SER A 211 -1.62 42.58 -11.42
N ASN A 212 -1.88 43.75 -12.05
CA ASN A 212 -1.80 45.06 -11.37
C ASN A 212 -2.87 45.20 -10.30
N TYR A 213 -4.03 44.61 -10.56
CA TYR A 213 -5.17 44.60 -9.65
C TYR A 213 -4.84 43.73 -8.42
N PHE A 214 -4.20 42.59 -8.66
CA PHE A 214 -3.80 41.67 -7.58
C PHE A 214 -2.77 42.32 -6.68
N LEU A 215 -1.85 43.09 -7.28
CA LEU A 215 -0.81 43.82 -6.54
C LEU A 215 -1.43 44.94 -5.71
N GLY A 216 -2.59 45.42 -6.17
CA GLY A 216 -3.34 46.48 -5.51
C GLY A 216 -4.01 45.99 -4.24
N LEU A 217 -4.47 44.73 -4.28
CA LEU A 217 -5.11 44.06 -3.17
C LEU A 217 -4.14 43.78 -2.01
N GLY A 218 -2.84 43.84 -2.31
CA GLY A 218 -1.81 43.59 -1.32
C GLY A 218 -0.90 42.42 -1.65
N ILE A 219 -1.22 41.69 -2.74
CA ILE A 219 -0.42 40.56 -3.17
C ILE A 219 0.94 41.08 -3.66
N LYS A 220 2.01 40.39 -3.25
CA LYS A 220 3.36 40.79 -3.61
C LYS A 220 3.88 40.29 -4.93
N LYS A 221 3.60 39.03 -5.26
CA LYS A 221 4.09 38.43 -6.51
C LYS A 221 3.00 37.64 -7.26
N VAL A 222 2.83 37.94 -8.55
CA VAL A 222 1.83 37.28 -9.40
C VAL A 222 2.43 36.44 -10.54
N PHE A 223 1.99 35.20 -10.65
CA PHE A 223 2.42 34.28 -11.70
C PHE A 223 1.18 33.67 -12.35
N ILE A 224 0.96 33.96 -13.64
CA ILE A 224 -0.20 33.44 -14.36
C ILE A 224 0.25 32.46 -15.46
N SER A 225 -0.11 31.18 -15.29
CA SER A 225 0.22 30.12 -16.26
C SER A 225 -0.67 30.31 -17.48
N LEU A 226 -0.07 30.26 -18.67
CA LEU A 226 -0.80 30.44 -19.92
C LEU A 226 -0.64 29.24 -20.84
N ASP A 227 -0.58 28.05 -20.23
CA ASP A 227 -0.40 26.76 -20.91
C ASP A 227 0.80 26.72 -21.87
N ALA A 228 0.54 26.73 -23.18
CA ALA A 228 1.58 26.71 -24.20
C ALA A 228 2.32 28.03 -24.37
N ASP A 229 1.66 29.14 -24.02
CA ASP A 229 2.23 30.48 -24.13
C ASP A 229 3.18 30.87 -22.99
N GLY A 230 3.38 29.93 -22.06
CA GLY A 230 4.29 30.16 -20.96
C GLY A 230 3.74 30.73 -19.68
N ILE A 231 4.56 31.54 -19.03
CA ILE A 231 4.22 32.14 -17.75
C ILE A 231 4.33 33.64 -17.83
N PHE A 232 3.30 34.30 -17.31
CA PHE A 232 3.26 35.75 -17.21
C PHE A 232 3.56 36.05 -15.73
N TYR A 233 4.44 37.02 -15.48
CA TYR A 233 4.79 37.40 -14.12
C TYR A 233 4.70 38.90 -13.86
N ASN A 234 4.57 39.26 -12.58
CA ASN A 234 4.52 40.66 -12.15
C ASN A 234 4.76 40.75 -10.65
N ASP A 235 5.77 41.54 -10.25
CA ASP A 235 6.07 41.74 -8.83
C ASP A 235 6.00 43.22 -8.41
N GLY A 236 5.56 44.07 -9.33
CA GLY A 236 5.45 45.49 -9.07
C GLY A 236 6.60 46.27 -9.67
N VAL A 237 7.77 45.64 -9.72
CA VAL A 237 8.99 46.23 -10.28
C VAL A 237 9.25 45.64 -11.67
N SER A 238 9.26 44.31 -11.74
CA SER A 238 9.49 43.59 -12.99
C SER A 238 8.22 42.91 -13.47
N CYS A 239 7.99 42.97 -14.78
CA CYS A 239 6.83 42.38 -15.43
C CYS A 239 7.25 41.84 -16.77
N GLY A 240 6.74 40.66 -17.11
CA GLY A 240 7.08 40.05 -18.38
C GLY A 240 6.38 38.75 -18.61
N LYS A 241 6.80 38.06 -19.67
CA LYS A 241 6.24 36.78 -20.08
C LYS A 241 7.38 35.96 -20.68
N ILE A 242 7.54 34.74 -20.18
CA ILE A 242 8.60 33.84 -20.65
C ILE A 242 7.97 32.52 -21.08
N LYS A 243 8.47 31.99 -22.19
CA LYS A 243 7.98 30.74 -22.75
C LYS A 243 9.18 29.93 -23.20
N ALA A 244 9.04 28.60 -23.14
CA ALA A 244 10.09 27.70 -23.58
C ALA A 244 9.68 27.12 -24.91
N THR A 245 10.67 26.95 -25.81
CA THR A 245 10.42 26.35 -27.12
C THR A 245 10.69 24.84 -26.94
N GLU A 246 10.28 24.04 -27.91
CA GLU A 246 10.49 22.57 -27.91
C GLU A 246 9.88 21.74 -26.76
N VAL A 247 8.76 22.20 -26.19
CA VAL A 247 8.09 21.47 -25.11
C VAL A 247 6.95 20.60 -25.64
N ASP A 248 7.14 19.29 -25.55
CA ASP A 248 6.14 18.30 -25.98
C ASP A 248 5.51 17.72 -24.72
N VAL A 249 4.18 17.80 -24.63
CA VAL A 249 3.48 17.28 -23.46
C VAL A 249 2.90 15.88 -23.62
N LYS A 250 3.01 15.09 -22.57
CA LYS A 250 2.48 13.73 -22.52
C LYS A 250 1.29 13.74 -21.57
N ASN A 251 1.53 14.26 -20.35
CA ASN A 251 0.52 14.38 -19.30
C ASN A 251 0.75 15.69 -18.55
N VAL A 252 -0.34 16.46 -18.40
CA VAL A 252 -0.32 17.76 -17.73
C VAL A 252 -0.49 17.70 -16.21
N THR A 253 -1.14 16.65 -15.70
CA THR A 253 -1.38 16.46 -14.26
C THR A 253 -0.07 16.47 -13.45
N GLY A 254 0.03 17.44 -12.54
CA GLY A 254 1.22 17.58 -11.70
C GLY A 254 2.24 18.59 -12.18
N ALA A 255 1.99 19.24 -13.32
CA ALA A 255 2.91 20.23 -13.89
C ALA A 255 2.91 21.55 -13.11
N GLY A 256 1.73 22.02 -12.75
CA GLY A 256 1.58 23.25 -11.98
C GLY A 256 2.05 23.07 -10.54
N ASP A 257 2.07 21.82 -10.08
CA ASP A 257 2.53 21.47 -8.73
C ASP A 257 4.05 21.69 -8.66
N SER A 258 4.73 21.24 -9.71
CA SER A 258 6.17 21.38 -9.88
C SER A 258 6.56 22.84 -10.05
N PHE A 259 5.67 23.63 -10.67
CA PHE A 259 5.93 25.07 -10.86
C PHE A 259 5.94 25.78 -9.52
N VAL A 260 4.99 25.43 -8.64
CA VAL A 260 4.87 26.03 -7.30
C VAL A 260 6.12 25.71 -6.48
N ALA A 261 6.61 24.48 -6.66
CA ALA A 261 7.82 24.02 -6.01
C ALA A 261 9.06 24.79 -6.43
N GLY A 262 9.08 25.17 -7.70
CA GLY A 262 10.19 25.92 -8.27
C GLY A 262 10.22 27.34 -7.77
N LEU A 263 9.03 27.90 -7.47
CA LEU A 263 8.89 29.25 -6.89
C LEU A 263 9.48 29.19 -5.50
N GLY A 264 9.21 28.06 -4.83
CA GLY A 264 9.73 27.80 -3.50
C GLY A 264 11.24 27.78 -3.50
N TYR A 265 11.82 27.10 -4.48
CA TYR A 265 13.28 27.04 -4.64
C TYR A 265 13.87 28.44 -4.88
N GLY A 266 13.25 29.16 -5.82
CA GLY A 266 13.68 30.51 -6.19
C GLY A 266 13.70 31.51 -5.06
N TYR A 267 12.65 31.48 -4.25
CA TYR A 267 12.48 32.35 -3.08
C TYR A 267 13.53 32.08 -2.00
N ASN A 269 16.46 30.71 -2.39
CA ASN A 269 17.79 31.03 -2.90
C ASN A 269 17.96 32.48 -3.34
N LYS A 270 16.98 33.33 -2.99
CA LYS A 270 16.93 34.78 -3.29
C LYS A 270 17.26 35.20 -4.75
N PRO A 272 16.70 36.35 -8.82
CA PRO A 272 15.87 37.37 -9.48
C PRO A 272 14.67 36.70 -10.15
N ILE A 273 13.55 37.44 -10.28
CA ILE A 273 12.31 36.90 -10.84
C ILE A 273 12.35 36.18 -12.20
N GLU A 274 13.19 36.67 -13.12
CA GLU A 274 13.33 36.06 -14.45
C GLU A 274 13.92 34.65 -14.35
N ASP A 275 14.84 34.46 -13.40
CA ASP A 275 15.48 33.16 -13.17
C ASP A 275 14.60 32.19 -12.39
N ILE A 276 13.72 32.71 -11.52
CA ILE A 276 12.78 31.89 -10.73
C ILE A 276 11.75 31.29 -11.69
N VAL A 277 11.28 32.14 -12.61
CA VAL A 277 10.31 31.79 -13.64
C VAL A 277 10.85 30.70 -14.57
N LYS A 278 12.14 30.81 -14.91
CA LYS A 278 12.82 29.85 -15.78
C LYS A 278 13.09 28.50 -15.13
N PHE A 279 13.51 28.55 -13.85
CA PHE A 279 13.82 27.36 -13.03
C PHE A 279 12.53 26.58 -12.79
N ALA A 280 11.51 27.28 -12.32
CA ALA A 280 10.19 26.70 -12.04
C ALA A 280 9.50 26.16 -13.30
N THR A 282 11.16 25.05 -15.98
CA THR A 282 11.98 23.88 -16.37
C THR A 282 11.46 22.64 -15.60
N SER A 284 8.38 22.37 -14.40
CA SER A 284 7.06 22.11 -14.94
C SER A 284 7.18 21.36 -16.26
N ASN A 285 8.17 21.73 -17.07
CA ASN A 285 8.43 21.10 -18.38
C ASN A 285 8.86 19.64 -18.25
N ILE A 286 9.66 19.32 -17.22
CA ILE A 286 10.14 17.96 -16.98
C ILE A 286 8.98 17.05 -16.57
N THR A 287 8.10 17.57 -15.73
CA THR A 287 6.93 16.83 -15.25
C THR A 287 5.89 16.64 -16.36
N ILE A 288 5.81 17.61 -17.26
CA ILE A 288 4.88 17.59 -18.38
C ILE A 288 5.30 16.59 -19.48
N SER A 289 6.60 16.29 -19.55
CA SER A 289 7.17 15.37 -20.53
C SER A 289 7.14 13.90 -20.10
N HIS A 290 6.63 13.64 -18.89
CA HIS A 290 6.54 12.28 -18.35
C HIS A 290 5.07 11.93 -18.14
N GLU A 291 4.75 10.64 -18.22
CA GLU A 291 3.38 10.15 -18.03
C GLU A 291 2.93 10.23 -16.58
N GLU A 292 3.89 10.10 -15.67
CA GLU A 292 3.60 10.17 -14.24
C GLU A 292 3.58 11.62 -13.75
N THR A 293 2.91 11.83 -12.62
CA THR A 293 2.75 13.13 -11.98
C THR A 293 4.05 13.75 -11.47
N ILE A 294 5.06 12.91 -11.22
CA ILE A 294 6.39 13.33 -10.75
C ILE A 294 7.41 12.51 -11.54
N HIS A 295 8.41 13.17 -12.11
CA HIS A 295 9.47 12.49 -12.86
C HIS A 295 10.40 11.81 -11.84
N PRO A 296 10.57 10.48 -11.93
CA PRO A 296 11.41 9.68 -11.03
C PRO A 296 12.86 10.13 -10.89
N ASP A 297 13.41 10.72 -11.96
CA ASP A 297 14.81 11.14 -11.95
C ASP A 297 15.05 12.59 -11.58
N ALA A 299 15.82 15.91 -9.90
CA ALA A 299 16.70 16.40 -8.86
C ALA A 299 17.22 17.75 -9.35
N LEU A 300 17.98 18.43 -8.49
CA LEU A 300 18.58 19.73 -8.81
C LEU A 300 19.42 19.67 -10.09
N ASP A 301 20.28 18.66 -10.19
CA ASP A 301 21.15 18.48 -11.37
C ASP A 301 20.41 18.35 -12.72
N THR A 302 19.31 17.59 -12.75
CA THR A 302 18.52 17.40 -13.98
C THR A 302 17.77 18.67 -14.40
N VAL A 303 17.32 19.46 -13.41
CA VAL A 303 16.61 20.72 -13.64
C VAL A 303 17.60 21.73 -14.22
N LEU A 304 18.77 21.83 -13.61
CA LEU A 304 19.83 22.73 -14.08
C LEU A 304 20.40 22.36 -15.46
N ALA A 305 20.47 21.07 -15.74
CA ALA A 305 20.97 20.55 -17.02
C ALA A 305 20.00 20.86 -18.16
N LYS A 306 18.70 20.79 -17.86
CA LYS A 306 17.66 21.07 -18.86
C LYS A 306 17.48 22.58 -19.04
N LEU A 307 17.74 23.35 -17.98
CA LEU A 307 17.65 24.82 -18.00
C LEU A 307 18.72 25.43 -18.93
N GLU A 308 19.91 24.83 -18.95
CA GLU A 308 21.03 25.27 -19.79
C GLU A 308 20.75 25.00 -21.27
N LYS A 309 20.16 23.83 -21.53
CA LYS A 309 19.81 23.33 -22.86
C LYS A 309 18.53 23.91 -23.48
N THR A 310 17.84 24.80 -22.75
CA THR A 310 16.58 25.38 -23.22
C THR A 310 16.71 26.76 -23.88
N THR A 311 15.99 26.91 -24.99
CA THR A 311 15.93 28.17 -25.74
C THR A 311 14.63 28.85 -25.31
N TRP A 312 14.75 30.09 -24.83
CA TRP A 312 13.60 30.86 -24.33
C TRP A 312 13.13 32.02 -25.20
N GLU A 313 11.83 32.30 -25.11
CA GLU A 313 11.20 33.43 -25.78
C GLU A 313 10.87 34.30 -24.58
N GLU A 314 11.55 35.44 -24.49
CA GLU A 314 11.39 36.39 -23.38
C GLU A 314 10.86 37.73 -23.83
N GLU A 315 9.98 38.31 -23.02
CA GLU A 315 9.35 39.61 -23.27
C GLU A 315 9.31 40.36 -21.94
N LYS A 316 9.66 41.65 -21.96
CA LYS A 316 9.65 42.49 -20.75
C LYS A 316 8.80 43.74 -20.96
N TYR A 317 7.86 44.00 -20.05
CA TYR A 317 7.02 45.19 -20.15
C TYR A 317 7.33 46.13 -18.99
N ASP A 318 7.28 47.44 -19.27
CA ASP A 318 7.57 48.47 -18.26
C ASP A 318 6.30 49.03 -17.61
N LEU A 319 6.42 50.19 -16.95
CA LEU A 319 5.33 50.90 -16.24
C LEU A 319 4.75 50.19 -15.01
N LYS B 5 22.62 -19.53 11.09
CA LYS B 5 23.38 -19.90 12.31
C LYS B 5 22.55 -20.80 13.24
N GLU B 6 21.43 -20.26 13.73
CA GLU B 6 20.50 -20.96 14.62
C GLU B 6 19.50 -21.75 13.74
N PRO B 7 19.09 -22.98 14.16
CA PRO B 7 18.12 -23.77 13.36
C PRO B 7 16.84 -23.00 13.01
N TYR B 8 16.45 -23.08 11.74
CA TYR B 8 15.27 -22.38 11.25
C TYR B 8 14.29 -23.23 10.46
N LEU B 9 13.08 -22.68 10.31
CA LEU B 9 12.01 -23.32 9.56
C LEU B 9 11.72 -22.43 8.35
N LEU B 10 11.83 -23.01 7.17
CA LEU B 10 11.58 -22.29 5.92
C LEU B 10 10.16 -22.44 5.38
N VAL B 11 9.52 -21.31 5.09
CA VAL B 11 8.19 -21.34 4.50
C VAL B 11 8.36 -20.74 3.10
N PHE B 12 7.98 -21.51 2.10
CA PHE B 12 8.06 -21.10 0.70
C PHE B 12 6.62 -20.98 0.21
N GLY B 13 6.32 -19.87 -0.44
CA GLY B 13 4.98 -19.66 -0.95
C GLY B 13 4.68 -18.22 -1.28
N ALA B 14 3.48 -18.02 -1.80
CA ALA B 14 3.02 -16.71 -2.24
C ALA B 14 2.51 -15.78 -1.14
N SER B 15 2.55 -14.49 -1.46
CA SER B 15 2.08 -13.44 -0.58
C SER B 15 1.10 -12.65 -1.41
N VAL B 16 -0.12 -12.52 -0.91
CA VAL B 16 -1.15 -11.76 -1.60
C VAL B 16 -1.63 -10.63 -0.71
N VAL B 17 -1.60 -9.40 -1.23
CA VAL B 17 -2.05 -8.22 -0.49
C VAL B 17 -3.54 -8.02 -0.80
N ASP B 18 -4.37 -7.96 0.24
CA ASP B 18 -5.81 -7.75 0.07
C ASP B 18 -6.18 -6.28 0.31
N VAL B 19 -6.83 -5.66 -0.67
CA VAL B 19 -7.27 -4.26 -0.56
C VAL B 19 -8.78 -4.24 -0.76
N PHE B 20 -9.50 -4.04 0.34
CA PHE B 20 -10.96 -4.00 0.34
C PHE B 20 -11.53 -2.61 0.52
N GLY B 21 -12.52 -2.29 -0.31
CA GLY B 21 -13.18 -1.00 -0.23
C GLY B 21 -14.61 -1.25 0.20
N PHE B 22 -14.91 -1.01 1.47
CA PHE B 22 -16.25 -1.21 2.03
C PHE B 22 -17.09 0.04 1.86
N SER B 23 -18.26 -0.07 1.21
CA SER B 23 -19.15 1.08 1.02
C SER B 23 -19.89 1.41 2.32
N LYS B 24 -19.89 2.71 2.66
CA LYS B 24 -20.56 3.23 3.85
C LYS B 24 -21.79 4.05 3.41
N ALA B 25 -22.19 3.83 2.16
CA ALA B 25 -23.34 4.50 1.54
C ALA B 25 -23.96 3.55 0.52
N SER B 26 -24.96 4.03 -0.21
CA SER B 26 -25.64 3.25 -1.25
C SER B 26 -24.71 3.11 -2.45
N TYR B 27 -24.58 1.89 -2.95
CA TYR B 27 -23.70 1.63 -4.09
C TYR B 27 -24.26 2.02 -5.45
N ARG B 28 -23.39 2.64 -6.25
CA ARG B 28 -23.69 3.11 -7.59
C ARG B 28 -22.42 2.91 -8.43
N PRO B 29 -22.50 2.10 -9.52
CA PRO B 29 -21.32 1.89 -10.37
C PRO B 29 -21.08 3.12 -11.27
N TYR B 30 -19.89 3.21 -11.86
CA TYR B 30 -19.45 4.33 -12.72
C TYR B 30 -19.22 5.64 -11.95
N ASN B 31 -19.72 5.71 -10.72
CA ASN B 31 -19.59 6.88 -9.85
C ASN B 31 -18.85 6.54 -8.55
N SER B 32 -18.14 7.53 -8.01
CA SER B 32 -17.37 7.41 -6.77
C SER B 32 -18.26 7.24 -5.54
N THR B 33 -18.10 6.11 -4.88
CA THR B 33 -18.88 5.76 -3.68
C THR B 33 -18.00 5.96 -2.44
N PRO B 34 -18.48 6.71 -1.43
CA PRO B 34 -17.68 6.91 -0.22
C PRO B 34 -17.64 5.67 0.70
N GLY B 35 -16.49 5.41 1.30
CA GLY B 35 -16.35 4.28 2.19
C GLY B 35 -14.98 4.11 2.81
N HIS B 36 -14.79 3.03 3.56
CA HIS B 36 -13.52 2.71 4.21
C HIS B 36 -12.70 1.72 3.39
N VAL B 37 -11.41 2.00 3.29
CA VAL B 37 -10.47 1.12 2.58
C VAL B 37 -9.61 0.42 3.62
N LYS B 38 -9.63 -0.91 3.58
CA LYS B 38 -8.86 -1.74 4.49
C LYS B 38 -7.81 -2.51 3.68
N ILE B 39 -6.59 -2.53 4.21
CA ILE B 39 -5.47 -3.23 3.60
C ILE B 39 -5.08 -4.31 4.60
N SER B 40 -5.06 -5.56 4.14
CA SER B 40 -4.66 -6.68 4.98
C SER B 40 -3.69 -7.54 4.19
N PHE B 41 -2.81 -8.22 4.91
CA PHE B 41 -1.81 -9.09 4.28
C PHE B 41 -2.24 -10.56 4.37
N GLY B 42 -2.52 -11.14 3.20
CA GLY B 42 -2.96 -12.52 3.11
C GLY B 42 -2.04 -13.46 2.34
N GLY B 43 -2.62 -14.58 1.91
CA GLY B 43 -1.89 -15.60 1.19
C GLY B 43 -1.52 -16.66 2.22
N VAL B 44 -2.02 -17.87 2.02
CA VAL B 44 -1.80 -19.04 2.90
C VAL B 44 -0.42 -19.15 3.57
N CYS B 45 0.63 -19.13 2.77
CA CYS B 45 2.00 -19.26 3.27
C CYS B 45 2.52 -18.08 4.07
N ARG B 46 1.99 -16.90 3.79
CA ARG B 46 2.36 -15.70 4.51
C ARG B 46 1.68 -15.69 5.87
N ASN B 47 0.48 -16.26 5.92
CA ASN B 47 -0.29 -16.34 7.16
C ASN B 47 0.39 -17.31 8.13
N ILE B 48 0.90 -18.42 7.58
CA ILE B 48 1.62 -19.47 8.32
C ILE B 48 2.94 -18.92 8.87
N ALA B 49 3.68 -18.19 8.04
CA ALA B 49 4.97 -17.59 8.40
C ALA B 49 4.84 -16.53 9.48
N GLU B 50 3.76 -15.74 9.41
CA GLU B 50 3.48 -14.69 10.40
C GLU B 50 3.17 -15.31 11.75
N ASN B 51 2.28 -16.32 11.75
CA ASN B 51 1.85 -17.05 12.94
C ASN B 51 3.05 -17.70 13.66
N ALA B 53 6.31 -16.73 13.38
CA ALA B 53 7.17 -15.65 13.84
C ALA B 53 6.63 -15.05 15.14
N ARG B 54 5.32 -15.06 15.25
CA ARG B 54 4.61 -14.54 16.42
C ARG B 54 4.74 -15.37 17.69
N VAL B 55 5.00 -16.67 17.52
CA VAL B 55 5.18 -17.59 18.65
C VAL B 55 6.65 -17.90 18.95
N GLY B 56 7.55 -17.20 18.25
CA GLY B 56 8.98 -17.36 18.48
C GLY B 56 9.82 -18.29 17.62
N VAL B 57 9.24 -18.84 16.56
CA VAL B 57 9.99 -19.74 15.66
C VAL B 57 10.90 -18.91 14.77
N ASN B 58 12.14 -19.37 14.57
CA ASN B 58 13.10 -18.68 13.72
C ASN B 58 12.64 -18.96 12.28
N THR B 59 11.85 -18.03 11.77
CA THR B 59 11.23 -18.12 10.46
C THR B 59 11.88 -17.42 9.28
N ASN B 60 12.09 -18.19 8.21
CA ASN B 60 12.61 -17.68 6.95
C ASN B 60 11.43 -17.88 5.99
N PHE B 61 11.00 -16.79 5.35
CA PHE B 61 9.89 -16.84 4.40
C PHE B 61 10.31 -16.40 3.00
N SER B 63 9.40 -15.76 -0.68
CA SER B 63 8.21 -15.42 -1.46
C SER B 63 8.50 -14.74 -2.78
N ILE B 64 7.44 -14.17 -3.35
CA ILE B 64 7.49 -13.44 -4.61
C ILE B 64 6.86 -12.08 -4.34
N LEU B 65 7.65 -11.04 -4.54
CA LEU B 65 7.22 -9.66 -4.35
C LEU B 65 7.67 -8.79 -5.50
N GLY B 66 7.03 -7.63 -5.62
CA GLY B 66 7.40 -6.66 -6.63
C GLY B 66 8.05 -5.49 -5.91
N ASN B 67 8.64 -4.55 -6.64
CA ASN B 67 9.25 -3.37 -6.02
C ASN B 67 8.28 -2.18 -5.98
N ASP B 68 7.03 -2.48 -5.63
CA ASP B 68 5.99 -1.46 -5.53
C ASP B 68 5.75 -1.16 -4.04
N GLU B 69 4.77 -0.31 -3.75
CA GLU B 69 4.44 0.07 -2.38
C GLU B 69 3.90 -1.04 -1.50
N HIS B 70 3.11 -1.93 -2.10
CA HIS B 70 2.53 -3.08 -1.41
C HIS B 70 3.63 -4.06 -1.01
N GLY B 71 4.65 -4.16 -1.86
CA GLY B 71 5.80 -5.03 -1.60
C GLY B 71 6.65 -4.52 -0.46
N LYS B 72 6.83 -3.19 -0.39
CA LYS B 72 7.59 -2.54 0.66
C LYS B 72 6.87 -2.67 2.01
N SER B 73 5.54 -2.54 1.99
CA SER B 73 4.69 -2.67 3.19
C SER B 73 4.73 -4.08 3.78
N ILE B 74 4.86 -5.07 2.91
CA ILE B 74 4.96 -6.49 3.29
C ILE B 74 6.32 -6.70 3.99
N VAL B 75 7.39 -6.16 3.40
CA VAL B 75 8.76 -6.25 3.93
C VAL B 75 8.89 -5.53 5.28
N GLU B 76 8.13 -4.45 5.49
CA GLU B 76 8.18 -3.70 6.75
C GLU B 76 7.44 -4.43 7.87
N HIS B 77 6.31 -5.06 7.53
CA HIS B 77 5.49 -5.85 8.47
C HIS B 77 6.27 -7.12 8.84
N SER B 78 7.12 -7.56 7.93
CA SER B 78 7.98 -8.74 8.07
C SER B 78 9.05 -8.58 9.15
N LYS B 79 9.62 -7.37 9.25
CA LYS B 79 10.65 -7.05 10.24
C LYS B 79 10.06 -6.83 11.63
N LYS B 80 8.87 -6.22 11.65
CA LYS B 80 8.14 -5.92 12.89
C LYS B 80 7.75 -7.19 13.66
N ILE B 81 7.16 -8.14 12.95
CA ILE B 81 6.71 -9.42 13.52
C ILE B 81 7.89 -10.36 13.78
N GLY B 82 8.63 -10.72 12.73
CA GLY B 82 9.78 -11.61 12.88
C GLY B 82 10.14 -12.52 11.72
N TYR B 83 9.22 -12.70 10.77
CA TYR B 83 9.48 -13.57 9.62
C TYR B 83 10.40 -12.94 8.57
N HIS B 84 11.61 -13.49 8.46
CA HIS B 84 12.62 -12.99 7.53
C HIS B 84 12.33 -13.32 6.07
N ASP B 86 14.11 -12.00 3.62
CA ASP B 86 15.37 -11.61 3.01
C ASP B 86 15.79 -12.36 1.74
N ASP B 87 15.32 -13.60 1.59
CA ASP B 87 15.67 -14.42 0.44
C ASP B 87 14.55 -14.54 -0.61
N SER B 88 13.57 -13.65 -0.54
CA SER B 88 12.44 -13.64 -1.48
C SER B 88 12.82 -13.15 -2.88
N VAL B 90 12.40 -10.77 -5.91
CA VAL B 90 11.96 -9.41 -6.17
C VAL B 90 11.92 -9.16 -7.67
N ILE B 91 10.74 -8.77 -8.15
CA ILE B 91 10.54 -8.47 -9.57
C ILE B 91 10.54 -6.97 -9.78
N GLU B 92 11.58 -6.48 -10.46
CA GLU B 92 11.77 -5.07 -10.77
C GLU B 92 10.75 -4.62 -11.83
N GLY B 93 9.93 -3.63 -11.45
CA GLY B 93 8.90 -3.11 -12.35
C GLY B 93 7.61 -3.90 -12.32
N GLY B 94 7.61 -4.98 -11.53
CA GLY B 94 6.45 -5.85 -11.38
C GLY B 94 5.69 -5.54 -10.10
N SER B 95 4.45 -6.02 -10.05
CA SER B 95 3.61 -5.80 -8.89
C SER B 95 3.58 -6.98 -7.93
N THR B 96 3.33 -6.68 -6.66
CA THR B 96 3.20 -7.67 -5.61
C THR B 96 1.78 -8.20 -5.79
N PRO B 97 1.59 -9.55 -5.85
CA PRO B 97 0.24 -10.14 -6.02
C PRO B 97 -0.82 -9.53 -5.12
N THR B 98 -1.83 -8.94 -5.74
CA THR B 98 -2.89 -8.24 -5.03
C THR B 98 -4.32 -8.53 -5.52
N TYR B 99 -5.25 -8.48 -4.56
CA TYR B 99 -6.67 -8.68 -4.83
C TYR B 99 -7.41 -7.42 -4.40
N LEU B 100 -7.92 -6.67 -5.39
CA LEU B 100 -8.69 -5.45 -5.14
C LEU B 100 -10.15 -5.81 -5.23
N ALA B 101 -10.93 -5.40 -4.23
CA ALA B 101 -12.36 -5.68 -4.20
C ALA B 101 -13.17 -4.53 -3.62
N ILE B 102 -14.18 -4.11 -4.38
CA ILE B 102 -15.09 -3.04 -3.96
C ILE B 102 -16.42 -3.69 -3.55
N LEU B 103 -16.64 -3.72 -2.24
CA LEU B 103 -17.82 -4.29 -1.61
C LEU B 103 -18.94 -3.27 -1.39
N ASP B 104 -20.19 -3.72 -1.46
CA ASP B 104 -21.34 -2.85 -1.26
C ASP B 104 -21.68 -2.62 0.22
N GLU B 105 -22.85 -2.03 0.48
CA GLU B 105 -23.35 -1.73 1.83
C GLU B 105 -23.58 -2.97 2.69
N ASN B 106 -23.88 -4.10 2.04
CA ASN B 106 -24.14 -5.37 2.72
C ASN B 106 -22.88 -6.18 3.02
N GLY B 107 -21.80 -5.91 2.27
CA GLY B 107 -20.53 -6.60 2.46
C GLY B 107 -20.26 -7.61 1.36
N GLU B 108 -21.05 -7.54 0.30
CA GLU B 108 -20.93 -8.43 -0.85
C GLU B 108 -20.23 -7.64 -1.96
N VAL B 110 -19.05 -6.18 -5.64
CA VAL B 110 -19.64 -5.72 -6.90
C VAL B 110 -18.58 -5.55 -8.01
N SER B 111 -17.31 -5.43 -7.62
CA SER B 111 -16.19 -5.27 -8.55
C SER B 111 -14.91 -5.81 -7.94
N ALA B 112 -14.05 -6.39 -8.78
CA ALA B 112 -12.78 -6.98 -8.32
C ALA B 112 -11.68 -7.20 -9.36
N ILE B 113 -10.44 -7.00 -8.91
CA ILE B 113 -9.24 -7.17 -9.74
C ILE B 113 -8.25 -8.11 -9.03
N ALA B 114 -7.90 -9.20 -9.70
CA ALA B 114 -6.92 -10.15 -9.17
C ALA B 114 -5.66 -9.98 -10.02
N ASP B 115 -4.58 -9.54 -9.38
CA ASP B 115 -3.29 -9.31 -10.02
C ASP B 115 -2.36 -10.41 -9.52
N LYS B 117 -0.05 -11.93 -11.77
CA LYS B 117 1.03 -12.04 -12.76
C LYS B 117 2.41 -12.46 -12.22
N SER B 118 2.78 -11.91 -11.07
CA SER B 118 4.06 -12.20 -10.44
C SER B 118 4.29 -13.61 -9.89
N ILE B 119 3.21 -14.35 -9.63
CA ILE B 119 3.30 -15.72 -9.10
C ILE B 119 3.86 -16.69 -10.16
N GLY B 120 3.64 -16.38 -11.43
CA GLY B 120 4.12 -17.22 -12.52
C GLY B 120 5.59 -17.04 -12.84
N ALA B 121 6.22 -16.03 -12.24
CA ALA B 121 7.64 -15.73 -12.45
C ALA B 121 8.63 -16.69 -11.78
N ASN B 123 10.72 -19.80 -11.06
CA ASN B 123 11.35 -20.80 -11.93
C ASN B 123 12.34 -21.70 -11.21
N THR B 124 12.86 -22.72 -11.90
CA THR B 124 13.83 -23.64 -11.29
C THR B 124 15.19 -22.99 -11.03
N ASP B 125 15.54 -21.99 -11.83
CA ASP B 125 16.83 -21.28 -11.72
C ASP B 125 16.99 -20.50 -10.42
N PHE B 126 15.90 -19.89 -9.92
CA PHE B 126 15.93 -19.12 -8.67
C PHE B 126 15.98 -20.06 -7.46
N ILE B 127 15.40 -21.25 -7.60
CA ILE B 127 15.39 -22.29 -6.55
C ILE B 127 16.84 -22.73 -6.32
N ASP B 128 17.56 -22.95 -7.43
CA ASP B 128 18.96 -23.39 -7.42
C ASP B 128 19.92 -22.38 -6.79
N SER B 129 19.64 -21.09 -6.96
CA SER B 129 20.47 -20.02 -6.41
C SER B 129 20.25 -19.85 -4.91
N LYS B 130 19.17 -20.45 -4.41
CA LYS B 130 18.82 -20.38 -2.99
C LYS B 130 18.87 -21.76 -2.33
N ARG B 131 19.69 -22.66 -2.91
CA ARG B 131 19.86 -24.04 -2.42
C ARG B 131 20.22 -24.23 -0.94
N GLU B 132 21.12 -23.38 -0.43
CA GLU B 132 21.59 -23.43 0.96
C GLU B 132 20.50 -23.16 1.98
N ILE B 133 19.49 -22.40 1.57
CA ILE B 133 18.38 -22.04 2.44
C ILE B 133 17.38 -23.22 2.53
N PHE B 134 17.29 -23.98 1.45
CA PHE B 134 16.41 -25.15 1.39
C PHE B 134 17.00 -26.34 2.13
N GLU B 135 18.32 -26.51 2.00
CA GLU B 135 19.05 -27.62 2.63
C GLU B 135 19.30 -27.50 4.14
N ASN B 136 19.61 -26.30 4.61
CA ASN B 136 19.89 -26.06 6.03
C ASN B 136 18.65 -25.90 6.92
N ALA B 137 17.47 -26.00 6.30
CA ALA B 137 16.19 -25.90 6.99
C ALA B 137 15.84 -27.20 7.68
N GLU B 138 15.26 -27.11 8.88
CA GLU B 138 14.84 -28.28 9.64
C GLU B 138 13.58 -28.83 8.99
N TYR B 139 12.62 -27.93 8.76
CA TYR B 139 11.34 -28.26 8.12
C TYR B 139 11.03 -27.18 7.09
N THR B 140 10.32 -27.56 6.02
CA THR B 140 9.92 -26.64 4.96
C THR B 140 8.44 -26.75 4.60
N VAL B 141 7.71 -25.65 4.80
CA VAL B 141 6.27 -25.59 4.51
C VAL B 141 5.99 -25.21 3.07
N LEU B 142 5.12 -25.99 2.45
CA LEU B 142 4.68 -25.77 1.07
C LEU B 142 3.19 -25.98 0.98
N ASP B 143 2.57 -25.32 0.02
CA ASP B 143 1.16 -25.51 -0.25
C ASP B 143 1.04 -26.16 -1.63
N SER B 144 -0.18 -26.46 -2.08
CA SER B 144 -0.41 -27.13 -3.36
C SER B 144 -0.64 -26.28 -4.61
N ASP B 145 -0.18 -25.03 -4.59
CA ASP B 145 -0.35 -24.09 -5.71
C ASP B 145 0.26 -24.51 -7.04
N ASN B 146 1.54 -24.88 -7.03
CA ASN B 146 2.22 -25.29 -8.25
C ASN B 146 2.81 -26.71 -8.11
N PRO B 147 2.19 -27.72 -8.76
CA PRO B 147 2.65 -29.11 -8.73
C PRO B 147 4.02 -29.33 -9.38
N GLU B 148 4.33 -28.55 -10.41
CA GLU B 148 5.60 -28.63 -11.14
C GLU B 148 6.79 -28.12 -10.30
N ILE B 149 6.55 -27.07 -9.51
CA ILE B 149 7.58 -26.52 -8.62
C ILE B 149 7.70 -27.45 -7.41
N GLU B 151 7.17 -30.77 -7.30
CA GLU B 151 7.86 -31.98 -7.79
C GLU B 151 9.37 -31.76 -7.88
N TYR B 152 9.77 -30.55 -8.28
CA TYR B 152 11.17 -30.19 -8.38
C TYR B 152 11.80 -30.08 -7.00
N LEU B 153 11.12 -29.40 -6.07
CA LEU B 153 11.59 -29.21 -4.70
C LEU B 153 11.73 -30.50 -3.93
N LEU B 154 10.80 -31.42 -4.18
CA LEU B 154 10.78 -32.72 -3.54
C LEU B 154 11.95 -33.61 -3.98
N LYS B 155 12.15 -33.78 -5.28
CA LYS B 155 13.23 -34.63 -5.77
C LYS B 155 14.65 -34.03 -5.69
N ASN B 156 14.74 -32.79 -5.23
CA ASN B 156 16.02 -32.11 -5.07
C ASN B 156 16.41 -31.91 -3.61
N PHE B 157 15.42 -31.79 -2.72
CA PHE B 157 15.67 -31.54 -1.30
C PHE B 157 14.94 -32.42 -0.26
N LYS B 158 14.31 -33.52 -0.68
CA LYS B 158 13.59 -34.42 0.25
C LYS B 158 14.44 -35.10 1.32
N ASP B 159 15.73 -35.25 1.02
CA ASP B 159 16.68 -35.90 1.92
C ASP B 159 17.45 -34.88 2.75
N LYS B 160 17.39 -33.61 2.33
CA LYS B 160 18.12 -32.53 2.99
C LYS B 160 17.29 -31.75 4.03
N THR B 161 15.99 -31.64 3.77
CA THR B 161 15.04 -30.95 4.65
C THR B 161 13.77 -31.79 4.73
N ASN B 162 12.96 -31.53 5.75
CA ASN B 162 11.71 -32.26 5.95
C ASN B 162 10.50 -31.42 5.55
N PHE B 163 9.89 -31.78 4.42
CA PHE B 163 8.74 -31.06 3.87
C PHE B 163 7.38 -31.25 4.57
N ILE B 164 6.65 -30.14 4.79
CA ILE B 164 5.32 -30.14 5.41
C ILE B 164 4.29 -29.63 4.38
N LEU B 165 3.20 -30.37 4.19
CA LEU B 165 2.15 -29.99 3.23
C LEU B 165 0.85 -29.45 3.82
N ASP B 166 0.35 -28.40 3.18
CA ASP B 166 -0.92 -27.75 3.47
C ASP B 166 -1.63 -27.83 2.09
N PRO B 167 -2.57 -28.79 1.90
CA PRO B 167 -3.31 -29.01 0.65
C PRO B 167 -4.20 -27.90 0.08
N VAL B 168 -4.51 -26.88 0.90
CA VAL B 168 -5.36 -25.72 0.54
C VAL B 168 -6.83 -26.06 0.24
N SER B 169 -7.07 -26.78 -0.85
CA SER B 169 -8.42 -27.19 -1.25
C SER B 169 -8.41 -28.62 -1.79
N ALA B 170 -9.60 -29.21 -1.91
CA ALA B 170 -9.79 -30.58 -2.40
C ALA B 170 -9.36 -30.75 -3.86
N GLU B 171 -9.57 -29.68 -4.64
CA GLU B 171 -9.22 -29.60 -6.06
C GLU B 171 -7.72 -29.51 -6.25
N LYS B 172 -7.08 -28.66 -5.44
CA LYS B 172 -5.62 -28.48 -5.47
C LYS B 172 -4.88 -29.70 -4.93
N ALA B 173 -5.55 -30.46 -4.06
CA ALA B 173 -5.00 -31.68 -3.47
C ALA B 173 -4.98 -32.85 -4.46
N SER B 174 -5.95 -32.86 -5.39
CA SER B 174 -6.08 -33.91 -6.41
C SER B 174 -5.02 -33.89 -7.49
N TRP B 175 -4.53 -32.69 -7.79
CA TRP B 175 -3.47 -32.48 -8.78
C TRP B 175 -2.10 -32.70 -8.15
N VAL B 176 -2.10 -33.17 -6.91
CA VAL B 176 -0.86 -33.40 -6.19
C VAL B 176 -0.81 -34.74 -5.41
N LYS B 177 -1.86 -35.55 -5.57
CA LYS B 177 -2.00 -36.85 -4.90
C LYS B 177 -0.93 -37.89 -5.20
N HIS B 178 -0.17 -37.64 -6.28
CA HIS B 178 0.92 -38.50 -6.73
C HIS B 178 2.28 -38.04 -6.21
N LEU B 179 2.31 -36.89 -5.54
CA LEU B 179 3.56 -36.33 -5.01
C LEU B 179 3.67 -36.35 -3.48
N ILE B 180 2.57 -36.67 -2.80
CA ILE B 180 2.53 -36.69 -1.33
C ILE B 180 3.49 -37.63 -0.59
N LYS B 181 3.98 -38.65 -1.30
CA LYS B 181 4.92 -39.65 -0.76
C LYS B 181 6.26 -39.13 -0.22
N ASP B 182 6.74 -38.02 -0.77
CA ASP B 182 8.02 -37.43 -0.39
C ASP B 182 8.00 -36.41 0.75
N PHE B 183 6.80 -36.14 1.24
CA PHE B 183 6.61 -35.21 2.35
C PHE B 183 6.81 -35.92 3.69
N HIS B 184 7.34 -35.17 4.66
CA HIS B 184 7.57 -35.68 6.01
C HIS B 184 6.24 -35.58 6.77
N THR B 185 5.52 -34.50 6.53
CA THR B 185 4.25 -34.27 7.19
C THR B 185 3.20 -33.72 6.25
N ILE B 186 1.99 -34.26 6.35
CA ILE B 186 0.86 -33.78 5.56
C ILE B 186 -0.28 -33.39 6.51
N LYS B 187 -1.01 -32.31 6.18
CA LYS B 187 -2.05 -31.82 7.05
C LYS B 187 -3.39 -31.55 6.24
N PRO B 188 -4.14 -32.60 5.86
CA PRO B 188 -5.38 -32.29 5.13
C PRO B 188 -6.59 -32.24 6.07
N ASN B 189 -7.73 -31.83 5.54
CA ASN B 189 -8.94 -31.87 6.35
C ASN B 189 -9.60 -33.23 6.02
N ARG B 190 -10.78 -33.52 6.58
CA ARG B 190 -11.44 -34.80 6.30
C ARG B 190 -11.65 -35.06 4.81
N HIS B 191 -12.12 -34.04 4.08
CA HIS B 191 -12.37 -34.15 2.64
C HIS B 191 -11.13 -34.19 1.75
N GLU B 192 -10.08 -33.44 2.11
CA GLU B 192 -8.84 -33.42 1.32
C GLU B 192 -8.11 -34.75 1.45
N ALA B 193 -8.33 -35.42 2.59
CA ALA B 193 -7.75 -36.72 2.89
C ALA B 193 -8.44 -37.83 2.08
N GLU B 194 -9.74 -37.65 1.81
CA GLU B 194 -10.53 -38.60 1.03
C GLU B 194 -10.03 -38.64 -0.41
N ILE B 195 -9.57 -37.48 -0.87
CA ILE B 195 -9.04 -37.28 -2.21
C ILE B 195 -7.64 -37.91 -2.36
N LEU B 196 -6.79 -37.67 -1.36
CA LEU B 196 -5.42 -38.18 -1.32
C LEU B 196 -5.34 -39.70 -1.04
N ALA B 197 -6.38 -40.25 -0.43
CA ALA B 197 -6.44 -41.68 -0.09
C ALA B 197 -7.11 -42.53 -1.17
N GLY B 198 -8.15 -41.97 -1.80
CA GLY B 198 -8.88 -42.66 -2.85
C GLY B 198 -10.09 -43.44 -2.39
N PHE B 199 -10.56 -43.13 -1.17
CA PHE B 199 -11.74 -43.78 -0.58
C PHE B 199 -12.46 -42.88 0.44
N PRO B 200 -13.80 -43.03 0.61
CA PRO B 200 -14.54 -42.21 1.57
C PRO B 200 -14.18 -42.43 3.05
N ILE B 201 -13.91 -41.32 3.74
CA ILE B 201 -13.58 -41.34 5.16
C ILE B 201 -14.80 -40.78 5.92
N THR B 202 -15.50 -41.67 6.62
CA THR B 202 -16.68 -41.29 7.37
C THR B 202 -16.52 -41.38 8.89
N ASP B 203 -15.72 -42.34 9.36
CA ASP B 203 -15.48 -42.54 10.79
C ASP B 203 -14.02 -42.77 11.15
N THR B 204 -13.78 -43.06 12.44
CA THR B 204 -12.46 -43.29 13.04
C THR B 204 -11.66 -44.44 12.40
N ASP B 205 -12.35 -45.54 12.07
CA ASP B 205 -11.73 -46.72 11.47
C ASP B 205 -11.20 -46.44 10.06
N ASP B 206 -11.84 -45.48 9.37
CA ASP B 206 -11.44 -45.07 8.02
C ASP B 206 -10.29 -44.07 8.09
N LEU B 207 -10.23 -43.32 9.20
CA LEU B 207 -9.17 -42.34 9.46
C LEU B 207 -7.85 -43.05 9.79
N ILE B 208 -7.97 -44.24 10.38
CA ILE B 208 -6.82 -45.07 10.75
C ILE B 208 -6.30 -45.76 9.50
N LYS B 209 -7.22 -46.15 8.61
CA LYS B 209 -6.91 -46.82 7.35
C LYS B 209 -6.29 -45.82 6.35
N ALA B 210 -6.74 -44.56 6.44
CA ALA B 210 -6.27 -43.47 5.59
C ALA B 210 -4.85 -43.06 5.93
N SER B 211 -4.62 -42.81 7.21
CA SER B 211 -3.33 -42.42 7.73
C SER B 211 -2.26 -43.49 7.56
N ASN B 212 -2.66 -44.76 7.69
CA ASN B 212 -1.75 -45.91 7.51
C ASN B 212 -1.36 -46.05 6.04
N TYR B 213 -2.25 -45.65 5.14
CA TYR B 213 -1.99 -45.67 3.68
C TYR B 213 -0.93 -44.59 3.39
N PHE B 214 -1.10 -43.42 4.01
CA PHE B 214 -0.18 -42.29 3.86
C PHE B 214 1.20 -42.61 4.43
N LEU B 215 1.23 -43.27 5.60
CA LEU B 215 2.48 -43.68 6.25
C LEU B 215 3.21 -44.74 5.43
N GLY B 216 2.41 -45.59 4.77
CA GLY B 216 2.92 -46.65 3.92
C GLY B 216 3.68 -46.13 2.72
N LEU B 217 3.28 -44.95 2.23
CA LEU B 217 3.93 -44.29 1.08
C LEU B 217 5.28 -43.68 1.42
N GLY B 218 5.55 -43.48 2.71
CA GLY B 218 6.81 -42.90 3.14
C GLY B 218 6.67 -41.67 4.02
N ILE B 219 5.42 -41.24 4.25
CA ILE B 219 5.14 -40.06 5.08
C ILE B 219 5.31 -40.44 6.55
N LYS B 220 6.09 -39.64 7.28
CA LYS B 220 6.39 -39.90 8.69
C LYS B 220 5.25 -39.50 9.65
N LYS B 221 4.74 -38.28 9.49
CA LYS B 221 3.65 -37.77 10.34
C LYS B 221 2.40 -37.39 9.53
N VAL B 222 1.23 -37.74 10.06
CA VAL B 222 -0.05 -37.45 9.40
C VAL B 222 -1.04 -36.79 10.37
N PHE B 223 -1.55 -35.62 9.98
CA PHE B 223 -2.51 -34.87 10.79
C PHE B 223 -3.73 -34.57 9.94
N ILE B 224 -4.89 -35.08 10.35
CA ILE B 224 -6.14 -34.86 9.61
C ILE B 224 -7.09 -34.00 10.45
N SER B 225 -7.43 -32.83 9.91
CA SER B 225 -8.35 -31.89 10.55
C SER B 225 -9.78 -32.40 10.44
N LEU B 226 -10.50 -32.38 11.57
CA LEU B 226 -11.88 -32.88 11.61
C LEU B 226 -12.96 -31.80 11.71
N ASP B 227 -12.56 -30.54 11.56
CA ASP B 227 -13.45 -29.36 11.58
C ASP B 227 -14.42 -29.27 12.77
N ALA B 228 -13.91 -28.83 13.91
CA ALA B 228 -14.73 -28.71 15.11
C ALA B 228 -14.70 -29.96 15.97
N ASP B 229 -14.51 -31.11 15.31
CA ASP B 229 -14.45 -32.41 15.97
C ASP B 229 -13.04 -32.78 16.44
N GLY B 230 -12.13 -31.81 16.33
CA GLY B 230 -10.75 -32.01 16.74
C GLY B 230 -9.79 -32.35 15.63
N ILE B 231 -8.68 -32.97 16.01
CA ILE B 231 -7.63 -33.38 15.08
C ILE B 231 -7.29 -34.85 15.31
N PHE B 232 -6.99 -35.53 14.21
CA PHE B 232 -6.59 -36.94 14.22
C PHE B 232 -5.09 -36.90 13.93
N TYR B 233 -4.32 -37.80 14.56
CA TYR B 233 -2.87 -37.87 14.32
C TYR B 233 -2.38 -39.31 14.15
N ASN B 234 -1.18 -39.46 13.58
CA ASN B 234 -0.57 -40.77 13.35
C ASN B 234 0.95 -40.67 13.18
N ASP B 235 1.65 -40.96 14.27
CA ASP B 235 3.13 -40.94 14.37
C ASP B 235 3.70 -42.18 13.69
N GLY B 236 2.89 -43.23 13.64
CA GLY B 236 3.28 -44.51 13.09
C GLY B 236 3.47 -45.42 14.30
N VAL B 237 3.68 -44.77 15.44
CA VAL B 237 3.90 -45.38 16.75
C VAL B 237 2.72 -44.99 17.66
N SER B 238 2.33 -43.71 17.62
CA SER B 238 1.24 -43.17 18.42
C SER B 238 0.09 -42.67 17.54
N CYS B 239 -1.14 -43.03 17.90
CA CYS B 239 -2.32 -42.65 17.15
C CYS B 239 -3.46 -42.24 18.08
N GLY B 240 -4.19 -41.20 17.70
CA GLY B 240 -5.29 -40.73 18.52
C GLY B 240 -6.18 -39.65 17.92
N LYS B 241 -7.03 -39.07 18.76
CA LYS B 241 -7.98 -38.01 18.40
C LYS B 241 -8.13 -37.12 19.64
N ILE B 242 -7.71 -35.86 19.51
CA ILE B 242 -7.81 -34.89 20.61
C ILE B 242 -8.81 -33.79 20.22
N LYS B 243 -9.89 -33.66 21.00
CA LYS B 243 -10.92 -32.65 20.75
C LYS B 243 -11.04 -31.59 21.86
N ALA B 244 -11.35 -30.36 21.44
CA ALA B 244 -11.56 -29.23 22.34
C ALA B 244 -13.08 -29.05 22.52
N THR B 245 -13.50 -28.19 23.45
CA THR B 245 -14.92 -27.94 23.69
C THR B 245 -15.18 -26.56 24.32
N GLU B 246 -15.27 -25.54 23.47
CA GLU B 246 -15.52 -24.15 23.92
C GLU B 246 -15.82 -23.17 22.79
N VAL B 247 -14.81 -22.39 22.40
CA VAL B 247 -14.88 -21.33 21.38
C VAL B 247 -15.19 -21.73 19.93
N ASP B 248 -16.13 -20.98 19.34
CA ASP B 248 -16.59 -21.13 17.95
C ASP B 248 -17.32 -19.84 17.60
N VAL B 249 -16.57 -18.86 17.07
CA VAL B 249 -17.13 -17.57 16.70
C VAL B 249 -16.83 -17.09 15.26
N LYS B 250 -17.00 -15.79 15.03
CA LYS B 250 -16.82 -15.10 13.73
C LYS B 250 -15.63 -15.50 12.85
N ASN B 251 -15.98 -16.10 11.70
CA ASN B 251 -15.05 -16.59 10.67
C ASN B 251 -14.10 -17.68 11.17
N VAL B 252 -14.46 -18.93 10.86
CA VAL B 252 -13.67 -20.10 11.23
C VAL B 252 -12.51 -20.33 10.25
N THR B 253 -12.26 -19.30 9.44
CA THR B 253 -11.20 -19.28 8.42
C THR B 253 -9.87 -18.73 8.93
N GLY B 254 -8.79 -19.34 8.44
CA GLY B 254 -7.45 -18.95 8.83
C GLY B 254 -6.90 -19.82 9.95
N ALA B 255 -7.75 -20.72 10.45
CA ALA B 255 -7.42 -21.64 11.54
C ALA B 255 -6.44 -22.72 11.13
N GLY B 256 -6.57 -23.21 9.90
CA GLY B 256 -5.70 -24.24 9.36
C GLY B 256 -4.29 -23.73 9.16
N ASP B 257 -4.18 -22.43 8.93
CA ASP B 257 -2.91 -21.73 8.73
C ASP B 257 -2.16 -21.65 10.07
N SER B 258 -2.93 -21.43 11.14
CA SER B 258 -2.44 -21.34 12.51
C SER B 258 -2.05 -22.72 13.05
N PHE B 259 -2.71 -23.76 12.55
CA PHE B 259 -2.43 -25.13 12.95
C PHE B 259 -1.09 -25.58 12.37
N VAL B 260 -0.85 -25.27 11.09
CA VAL B 260 0.42 -25.61 10.40
C VAL B 260 1.58 -24.93 11.11
N ALA B 261 1.30 -23.72 11.61
CA ALA B 261 2.26 -22.91 12.33
C ALA B 261 2.65 -23.50 13.68
N GLY B 262 1.67 -24.13 14.33
CA GLY B 262 1.88 -24.76 15.62
C GLY B 262 2.51 -26.13 15.51
N LEU B 263 2.47 -26.71 14.31
CA LEU B 263 3.10 -27.99 14.02
C LEU B 263 4.58 -27.69 13.95
N GLY B 264 4.86 -26.53 13.35
CA GLY B 264 6.22 -26.04 13.19
C GLY B 264 6.90 -25.70 14.50
N TYR B 265 6.14 -25.17 15.46
CA TYR B 265 6.63 -24.82 16.80
C TYR B 265 6.93 -26.11 17.56
N GLY B 266 5.94 -27.01 17.57
CA GLY B 266 6.03 -28.28 18.25
C GLY B 266 7.16 -29.17 17.79
N TYR B 267 7.55 -29.00 16.53
CA TYR B 267 8.63 -29.76 15.91
C TYR B 267 10.00 -29.19 16.30
N ASN B 269 10.73 -27.52 18.92
CA ASN B 269 10.92 -27.64 20.35
C ASN B 269 10.77 -29.09 20.82
N LYS B 270 10.83 -30.01 19.84
CA LYS B 270 10.74 -31.46 20.00
C LYS B 270 9.71 -32.02 20.98
N PRO B 272 6.26 -33.75 22.64
CA PRO B 272 5.62 -35.05 22.35
C PRO B 272 4.40 -34.83 21.44
N ILE B 273 4.13 -35.83 20.59
CA ILE B 273 3.04 -35.78 19.61
C ILE B 273 1.69 -35.25 20.12
N GLU B 274 1.23 -35.75 21.27
CA GLU B 274 -0.04 -35.36 21.88
C GLU B 274 -0.08 -33.88 22.27
N ASP B 275 1.10 -33.35 22.62
CA ASP B 275 1.26 -31.96 23.05
C ASP B 275 1.45 -30.96 21.89
N ILE B 276 1.96 -31.44 20.75
CA ILE B 276 2.16 -30.62 19.54
C ILE B 276 0.75 -30.32 19.01
N VAL B 277 -0.07 -31.38 18.98
CA VAL B 277 -1.47 -31.34 18.53
C VAL B 277 -2.28 -30.36 19.37
N LYS B 278 -2.04 -30.35 20.67
CA LYS B 278 -2.72 -29.47 21.62
C LYS B 278 -2.34 -28.00 21.46
N PHE B 279 -1.03 -27.74 21.33
CA PHE B 279 -0.50 -26.37 21.15
C PHE B 279 -1.00 -25.76 19.84
N ALA B 280 -0.88 -26.54 18.76
CA ALA B 280 -1.30 -26.14 17.43
C ALA B 280 -2.79 -25.89 17.31
N THR B 282 -4.68 -24.90 19.84
CA THR B 282 -4.95 -23.74 20.67
C THR B 282 -4.84 -22.49 19.79
N SER B 284 -5.43 -22.42 16.67
CA SER B 284 -6.57 -22.48 15.75
C SER B 284 -7.81 -21.97 16.49
N ASN B 285 -7.95 -22.39 17.76
CA ASN B 285 -9.06 -22.01 18.62
C ASN B 285 -9.10 -20.51 18.94
N ILE B 286 -7.94 -19.86 18.78
CA ILE B 286 -7.79 -18.40 18.98
C ILE B 286 -8.32 -17.73 17.69
N THR B 287 -7.60 -17.99 16.58
CA THR B 287 -7.87 -17.44 15.24
C THR B 287 -9.32 -17.52 14.77
N ILE B 288 -10.01 -18.60 15.14
CA ILE B 288 -11.42 -18.81 14.78
C ILE B 288 -12.28 -17.69 15.37
N SER B 289 -12.16 -17.49 16.68
CA SER B 289 -12.91 -16.48 17.43
C SER B 289 -12.71 -15.02 17.00
N HIS B 290 -11.53 -14.46 17.28
CA HIS B 290 -11.19 -13.09 16.92
C HIS B 290 -10.99 -12.92 15.41
N GLU B 291 -11.84 -12.07 14.82
CA GLU B 291 -11.87 -11.78 13.37
C GLU B 291 -10.60 -11.18 12.73
N GLU B 292 -10.49 -9.84 12.83
CA GLU B 292 -9.37 -9.04 12.27
C GLU B 292 -9.08 -9.26 10.78
N ILE B 294 -6.12 -14.25 8.09
CA ILE B 294 -6.53 -13.29 9.11
C ILE B 294 -5.95 -13.64 10.49
N HIS B 295 -5.21 -12.68 11.06
CA HIS B 295 -4.57 -12.84 12.37
C HIS B 295 -4.77 -11.59 13.24
N PRO B 296 -5.16 -11.76 14.52
CA PRO B 296 -5.39 -10.65 15.47
C PRO B 296 -4.14 -10.25 16.26
N ASP B 297 -3.77 -11.17 17.15
CA ASP B 297 -2.61 -11.06 18.01
C ASP B 297 -2.26 -12.53 18.27
N ALA B 299 0.92 -14.48 20.59
CA ALA B 299 2.16 -14.44 21.35
C ALA B 299 2.35 -15.78 22.04
N LEU B 300 3.62 -16.13 22.27
CA LEU B 300 4.03 -17.37 22.93
C LEU B 300 3.24 -17.65 24.21
N ASP B 301 3.10 -16.61 25.04
CA ASP B 301 2.38 -16.69 26.32
C ASP B 301 0.85 -16.73 26.22
N THR B 302 0.29 -16.04 25.22
CA THR B 302 -1.17 -15.98 24.99
C THR B 302 -1.72 -17.34 24.62
N VAL B 303 -0.91 -18.11 23.89
CA VAL B 303 -1.26 -19.46 23.44
C VAL B 303 -1.07 -20.43 24.61
N LEU B 304 -0.05 -20.18 25.44
CA LEU B 304 0.24 -21.01 26.60
C LEU B 304 -0.73 -20.71 27.75
N ALA B 305 -1.38 -19.54 27.70
CA ALA B 305 -2.36 -19.10 28.69
C ALA B 305 -3.73 -19.75 28.46
N LYS B 306 -4.18 -19.76 27.21
CA LYS B 306 -5.47 -20.36 26.84
C LYS B 306 -5.41 -21.90 26.88
N LEU B 307 -4.24 -22.45 26.55
CA LEU B 307 -3.97 -23.89 26.52
C LEU B 307 -4.48 -24.68 27.74
N GLU B 308 -4.20 -24.17 28.94
CA GLU B 308 -4.60 -24.80 30.20
C GLU B 308 -6.10 -24.85 30.44
N LYS B 309 -6.80 -23.76 30.14
CA LYS B 309 -8.25 -23.65 30.32
C LYS B 309 -9.05 -24.19 29.12
N THR B 310 -8.76 -25.44 28.75
CA THR B 310 -9.43 -26.11 27.63
C THR B 310 -9.80 -27.55 27.99
N THR B 311 -11.03 -27.94 27.62
CA THR B 311 -11.57 -29.28 27.86
C THR B 311 -11.03 -30.24 26.79
N TRP B 312 -9.97 -30.99 27.13
CA TRP B 312 -9.38 -31.94 26.20
C TRP B 312 -10.02 -33.32 26.25
N GLU B 313 -10.75 -33.65 25.18
CA GLU B 313 -11.42 -34.95 25.04
C GLU B 313 -10.49 -35.84 24.20
N GLU B 314 -9.58 -36.51 24.90
CA GLU B 314 -8.58 -37.40 24.31
C GLU B 314 -9.01 -38.86 24.14
N GLU B 315 -8.73 -39.41 22.96
CA GLU B 315 -9.03 -40.80 22.60
C GLU B 315 -7.76 -41.38 21.98
N LYS B 316 -7.25 -42.49 22.55
CA LYS B 316 -6.04 -43.13 22.06
C LYS B 316 -6.34 -44.47 21.37
N TYR B 317 -5.70 -44.71 20.21
CA TYR B 317 -5.89 -45.94 19.42
C TYR B 317 -4.60 -46.72 19.22
N ASP B 318 -4.76 -48.01 18.89
CA ASP B 318 -3.63 -48.92 18.65
C ASP B 318 -3.87 -49.76 17.39
N LEU B 319 -2.76 -50.10 16.73
CA LEU B 319 -2.79 -50.92 15.51
C LEU B 319 -2.30 -52.34 15.80
#